data_5JQC
#
_entry.id   5JQC
#
_cell.length_a   39.468
_cell.length_b   89.323
_cell.length_c   94.441
_cell.angle_alpha   90.000
_cell.angle_beta   90.000
_cell.angle_gamma   90.000
#
_symmetry.space_group_name_H-M   'P 21 21 21'
#
loop_
_entity.id
_entity.type
_entity.pdbx_description
1 polymer 'Lmo1076 protein'
2 non-polymer GLYCEROL
3 non-polymer 'SULFATE ION'
4 non-polymer DI(HYDROXYETHYL)ETHER
5 water water
#
_entity_poly.entity_id   1
_entity_poly.type   'polypeptide(L)'
_entity_poly.pdbx_seq_one_letter_code
;LISSYNLTQYDTLYDTIKQQKNVSEDAKVVKADGHGVYSGIYNTSAASAKKLSTGAPYNNKDVKILKEGTTSRGTWVQFS
LNNKVIGW(MSE)DKRAFVYYPKATNVKTLNLTGKITAGSTNGLWSEVPGTVNAKKLATTAGAYQNKDAKIIKQGQISGR
TYYQFQVGGKTIGWLDARAFHVYDKIQSQSNVNWNRTILNADKHGVYSGVYNTSSSS(MSE)NKLSTGAKYNNKKVKVIK
QAKTARGTWYQFQVNGKTVGW(MSE)DYRAF
;
_entity_poly.pdbx_strand_id   A
#
loop_
_chem_comp.id
_chem_comp.type
_chem_comp.name
_chem_comp.formula
GOL non-polymer GLYCEROL 'C3 H8 O3'
PEG non-polymer DI(HYDROXYETHYL)ETHER 'C4 H10 O3'
SO4 non-polymer 'SULFATE ION' 'O4 S -2'
#
# COMPACT_ATOMS: atom_id res chain seq x y z
N THR A 12 15.42 50.32 -1.77
CA THR A 12 15.51 49.67 -3.09
C THR A 12 16.85 48.92 -3.23
N LEU A 13 17.67 48.96 -2.17
CA LEU A 13 18.85 48.11 -2.16
C LEU A 13 18.46 46.64 -2.03
N TYR A 14 17.50 46.35 -1.13
CA TYR A 14 16.99 45.02 -0.87
C TYR A 14 15.55 44.89 -1.32
N ASP A 15 15.14 43.64 -1.56
CA ASP A 15 13.81 43.25 -2.00
C ASP A 15 12.91 42.89 -0.83
N THR A 16 11.65 43.31 -0.90
CA THR A 16 10.65 42.97 0.09
C THR A 16 10.28 41.50 0.02
N ILE A 17 10.13 40.88 1.20
CA ILE A 17 9.57 39.54 1.31
C ILE A 17 8.05 39.67 1.21
N LYS A 18 7.48 39.14 0.12
CA LYS A 18 6.06 39.36 -0.16
C LYS A 18 5.18 38.29 0.49
N GLN A 19 5.71 37.07 0.66
CA GLN A 19 4.99 35.93 1.21
C GLN A 19 5.99 35.01 1.88
N GLN A 20 5.54 34.38 2.96
CA GLN A 20 6.38 33.39 3.62
C GLN A 20 5.50 32.32 4.24
N LYS A 21 5.96 31.07 4.21
CA LYS A 21 5.18 30.04 4.88
C LYS A 21 6.08 28.89 5.26
N ASN A 22 5.74 28.25 6.38
CA ASN A 22 6.33 26.99 6.75
C ASN A 22 5.74 25.87 5.91
N VAL A 23 6.57 24.89 5.58
CA VAL A 23 6.17 23.73 4.79
C VAL A 23 6.87 22.51 5.37
N SER A 24 6.40 21.32 4.96
CA SER A 24 7.08 20.08 5.30
C SER A 24 7.15 19.24 4.03
N GLU A 25 8.33 19.19 3.42
CA GLU A 25 8.53 18.50 2.16
C GLU A 25 9.90 17.85 2.16
N ASP A 26 10.01 16.76 1.43
CA ASP A 26 11.30 16.18 1.07
C ASP A 26 11.62 16.56 -0.37
N ALA A 27 12.90 16.77 -0.63
CA ALA A 27 13.31 17.12 -1.98
C ALA A 27 14.74 16.69 -2.21
N LYS A 28 15.11 16.61 -3.48
CA LYS A 28 16.48 16.37 -3.90
C LYS A 28 17.01 17.61 -4.61
N VAL A 29 18.14 18.13 -4.13
CA VAL A 29 18.86 19.17 -4.85
C VAL A 29 19.37 18.61 -6.18
N VAL A 30 19.07 19.32 -7.27
CA VAL A 30 19.43 18.85 -8.61
C VAL A 30 20.01 20.03 -9.39
N LYS A 31 21.21 19.84 -9.94
CA LYS A 31 21.86 20.79 -10.85
C LYS A 31 21.80 22.21 -10.29
N ALA A 32 22.31 22.34 -9.07
CA ALA A 32 22.24 23.59 -8.32
C ALA A 32 23.60 24.29 -8.24
N ASP A 33 24.45 24.07 -9.22
CA ASP A 33 25.76 24.73 -9.23
C ASP A 33 25.62 26.23 -9.47
N GLY A 34 24.64 26.63 -10.26
CA GLY A 34 24.46 28.04 -10.58
C GLY A 34 23.57 28.80 -9.61
N HIS A 35 23.41 28.29 -8.39
CA HIS A 35 22.60 28.96 -7.37
C HIS A 35 23.39 29.12 -6.08
N GLY A 36 22.99 30.11 -5.29
CA GLY A 36 23.64 30.40 -4.02
C GLY A 36 22.83 29.95 -2.83
N VAL A 37 23.52 29.65 -1.74
CA VAL A 37 22.91 29.42 -0.43
C VAL A 37 23.12 30.68 0.40
N TYR A 38 22.06 31.12 1.10
CA TYR A 38 22.10 32.37 1.82
C TYR A 38 21.56 32.17 3.23
N SER A 39 21.97 33.06 4.14
CA SER A 39 21.44 33.01 5.48
C SER A 39 19.94 33.29 5.51
N GLY A 40 19.44 33.99 4.50
CA GLY A 40 18.03 34.33 4.44
C GLY A 40 17.55 34.34 3.00
N ILE A 41 16.26 34.61 2.81
CA ILE A 41 15.74 34.81 1.47
C ILE A 41 16.61 35.84 0.76
N TYR A 42 17.04 35.49 -0.46
CA TYR A 42 18.07 36.27 -1.14
C TYR A 42 17.72 37.76 -1.22
N ASN A 43 18.73 38.58 -0.91
CA ASN A 43 18.70 40.04 -1.14
C ASN A 43 17.56 40.73 -0.37
N THR A 44 17.27 40.22 0.83
CA THR A 44 16.32 40.85 1.72
C THR A 44 16.99 41.62 2.85
N SER A 45 18.28 41.40 3.08
CA SER A 45 19.07 42.14 4.04
C SER A 45 20.53 42.08 3.61
N ALA A 46 21.38 42.80 4.35
CA ALA A 46 22.82 42.71 4.11
C ALA A 46 23.32 41.28 4.26
N ALA A 47 22.85 40.58 5.31
CA ALA A 47 23.27 39.21 5.53
C ALA A 47 22.82 38.30 4.39
N SER A 48 21.61 38.53 3.87
CA SER A 48 21.04 37.69 2.82
C SER A 48 21.54 38.05 1.42
N ALA A 49 22.47 39.00 1.31
CA ALA A 49 22.97 39.41 0.00
C ALA A 49 24.28 38.73 -0.37
N LYS A 50 25.09 38.38 0.63
CA LYS A 50 26.36 37.70 0.41
C LYS A 50 26.13 36.19 0.33
N LYS A 51 26.63 35.59 -0.74
CA LYS A 51 26.47 34.15 -0.97
C LYS A 51 27.27 33.33 0.04
N LEU A 52 26.59 32.43 0.76
CA LEU A 52 27.28 31.55 1.70
C LEU A 52 28.11 30.50 0.96
N SER A 53 27.54 29.92 -0.09
CA SER A 53 28.23 28.96 -0.95
C SER A 53 27.32 28.67 -2.13
N THR A 54 27.86 27.93 -3.09
CA THR A 54 27.04 27.46 -4.19
C THR A 54 26.26 26.22 -3.75
N GLY A 55 25.31 25.81 -4.59
CA GLY A 55 24.54 24.61 -4.35
C GLY A 55 25.20 23.32 -4.80
N ALA A 56 26.35 23.44 -5.48
CA ALA A 56 27.08 22.24 -5.90
C ALA A 56 27.38 21.26 -4.78
N PRO A 57 27.82 21.66 -3.58
CA PRO A 57 28.10 20.66 -2.54
C PRO A 57 26.93 19.74 -2.23
N TYR A 58 25.70 20.16 -2.55
CA TYR A 58 24.51 19.42 -2.15
C TYR A 58 23.81 18.74 -3.32
N ASN A 59 24.46 18.65 -4.47
CA ASN A 59 23.80 18.05 -5.63
C ASN A 59 23.49 16.58 -5.36
N ASN A 60 22.26 16.18 -5.72
CA ASN A 60 21.72 14.83 -5.60
C ASN A 60 21.56 14.34 -4.17
N LYS A 61 21.79 15.19 -3.17
CA LYS A 61 21.52 14.82 -1.80
C LYS A 61 20.08 15.15 -1.47
N ASP A 62 19.46 14.31 -0.64
CA ASP A 62 18.09 14.52 -0.20
C ASP A 62 18.07 15.49 0.97
N VAL A 63 17.09 16.40 0.97
CA VAL A 63 17.00 17.44 1.97
C VAL A 63 15.55 17.57 2.40
N LYS A 64 15.37 18.29 3.50
CA LYS A 64 14.05 18.63 4.02
C LYS A 64 13.80 20.10 3.75
N ILE A 65 12.61 20.43 3.29
CA ILE A 65 12.26 21.82 3.02
C ILE A 65 11.35 22.29 4.15
N LEU A 66 11.76 23.35 4.84
CA LEU A 66 11.12 23.84 6.04
C LEU A 66 10.29 25.09 5.82
N LYS A 67 10.75 26.01 4.97
CA LYS A 67 10.04 27.27 4.75
C LYS A 67 10.20 27.64 3.29
N GLU A 68 9.26 28.47 2.81
CA GLU A 68 9.39 29.09 1.49
C GLU A 68 9.07 30.56 1.65
N GLY A 69 9.75 31.40 0.86
CA GLY A 69 9.50 32.83 0.84
C GLY A 69 9.73 33.40 -0.54
N THR A 70 8.92 34.37 -0.95
CA THR A 70 9.02 34.93 -2.28
C THR A 70 9.43 36.39 -2.22
N THR A 71 10.15 36.82 -3.25
CA THR A 71 10.36 38.24 -3.53
C THR A 71 10.11 38.45 -5.01
N SER A 72 10.23 39.70 -5.46
CA SER A 72 10.12 40.01 -6.88
C SER A 72 11.08 39.18 -7.76
N ARG A 73 12.15 38.63 -7.21
CA ARG A 73 13.10 37.91 -8.05
C ARG A 73 12.88 36.40 -8.09
N GLY A 74 12.04 35.83 -7.22
CA GLY A 74 11.78 34.40 -7.25
C GLY A 74 11.35 33.89 -5.88
N THR A 75 11.39 32.56 -5.74
CA THR A 75 11.04 31.87 -4.51
C THR A 75 12.27 31.21 -3.92
N TRP A 76 12.55 31.51 -2.65
CA TRP A 76 13.66 30.87 -1.92
C TRP A 76 13.09 29.96 -0.84
N VAL A 77 13.71 28.79 -0.66
CA VAL A 77 13.24 27.81 0.31
C VAL A 77 14.37 27.47 1.29
N GLN A 78 14.01 27.31 2.58
CA GLN A 78 14.97 26.95 3.62
C GLN A 78 15.05 25.43 3.74
N PHE A 79 16.19 24.87 3.37
CA PHE A 79 16.41 23.43 3.38
C PHE A 79 17.41 23.04 4.45
N SER A 80 17.35 21.76 4.84
CA SER A 80 18.19 21.20 5.89
C SER A 80 18.75 19.86 5.43
N LEU A 81 20.04 19.65 5.68
CA LEU A 81 20.72 18.40 5.35
C LEU A 81 20.93 17.61 6.63
N ASN A 82 20.37 16.39 6.69
CA ASN A 82 20.43 15.56 7.88
C ASN A 82 19.96 16.35 9.09
N ASN A 83 18.85 17.07 8.91
CA ASN A 83 18.21 17.87 9.96
C ASN A 83 19.10 19.00 10.47
N LYS A 84 20.19 19.31 9.77
CA LYS A 84 21.01 20.49 10.02
C LYS A 84 20.66 21.54 8.98
N VAL A 85 19.98 22.62 9.40
CA VAL A 85 19.60 23.66 8.42
C VAL A 85 20.86 24.19 7.75
N ILE A 86 20.80 24.35 6.43
CA ILE A 86 21.90 24.88 5.66
C ILE A 86 21.68 26.34 5.35
N GLY A 87 20.48 26.71 4.93
CA GLY A 87 20.18 28.08 4.57
C GLY A 87 18.99 28.13 3.63
N TRP A 88 18.99 29.14 2.77
CA TRP A 88 17.95 29.35 1.78
C TRP A 88 18.54 29.27 0.38
N MSE A 89 17.77 28.69 -0.54
CA MSE A 89 18.19 28.61 -1.94
C MSE A 89 16.97 28.68 -2.85
O MSE A 89 15.86 28.31 -2.45
CB MSE A 89 19.00 27.33 -2.17
CG MSE A 89 19.45 27.11 -3.61
SE MSE A 89 21.00 25.93 -3.80
CE MSE A 89 20.35 24.32 -2.90
N ASP A 90 17.19 29.21 -4.05
CA ASP A 90 16.18 29.26 -5.10
C ASP A 90 15.44 27.94 -5.18
N LYS A 91 14.11 28.00 -5.08
CA LYS A 91 13.29 26.80 -5.16
C LYS A 91 13.56 25.98 -6.41
N ARG A 92 13.99 26.64 -7.50
CA ARG A 92 14.27 25.93 -8.75
C ARG A 92 15.45 24.99 -8.63
N ALA A 93 16.32 25.19 -7.64
CA ALA A 93 17.42 24.26 -7.44
C ALA A 93 16.98 22.89 -6.89
N PHE A 94 15.68 22.66 -6.66
CA PHE A 94 15.23 21.44 -5.98
C PHE A 94 14.17 20.70 -6.78
N VAL A 95 14.14 19.37 -6.63
CA VAL A 95 13.05 18.52 -7.10
C VAL A 95 12.33 17.93 -5.88
N TYR A 96 11.08 18.35 -5.66
CA TYR A 96 10.31 17.88 -4.52
C TYR A 96 9.82 16.45 -4.77
N TYR A 97 9.90 15.61 -3.74
CA TYR A 97 9.30 14.30 -3.81
C TYR A 97 7.80 14.40 -3.56
N PRO A 98 6.98 13.72 -4.37
CA PRO A 98 5.55 13.63 -4.06
C PRO A 98 5.34 12.78 -2.83
N LYS A 99 4.22 13.00 -2.16
CA LYS A 99 3.84 12.20 -1.00
C LYS A 99 2.71 11.24 -1.35
N ALA A 100 2.71 10.07 -0.71
CA ALA A 100 1.61 9.14 -0.86
C ALA A 100 0.37 9.71 -0.19
N THR A 101 -0.79 9.49 -0.80
CA THR A 101 -2.06 9.86 -0.17
C THR A 101 -2.81 8.59 0.26
N ASN A 102 -3.88 8.81 1.03
CA ASN A 102 -4.78 7.75 1.46
C ASN A 102 -4.01 6.67 2.24
N VAL A 103 -2.98 7.07 2.97
CA VAL A 103 -2.09 6.14 3.65
C VAL A 103 -2.76 5.65 4.92
N LYS A 104 -2.99 4.34 5.02
CA LYS A 104 -3.56 3.81 6.25
C LYS A 104 -3.03 2.41 6.54
N THR A 105 -2.97 2.10 7.82
CA THR A 105 -2.64 0.76 8.28
C THR A 105 -3.77 -0.21 7.90
N LEU A 106 -3.39 -1.44 7.57
CA LEU A 106 -4.32 -2.48 7.14
C LEU A 106 -4.03 -3.76 7.89
N ASN A 107 -5.00 -4.69 7.84
CA ASN A 107 -4.81 -6.03 8.39
C ASN A 107 -5.54 -7.03 7.48
N LEU A 108 -4.97 -7.27 6.31
CA LEU A 108 -5.58 -8.16 5.34
C LEU A 108 -4.64 -9.31 5.06
N THR A 109 -5.18 -10.38 4.47
CA THR A 109 -4.35 -11.42 3.89
C THR A 109 -4.85 -11.73 2.49
N GLY A 110 -3.94 -12.25 1.68
CA GLY A 110 -4.31 -12.61 0.33
C GLY A 110 -3.19 -13.39 -0.32
N LYS A 111 -3.40 -13.69 -1.59
CA LYS A 111 -2.41 -14.42 -2.39
C LYS A 111 -1.86 -13.48 -3.45
N ILE A 112 -0.54 -13.46 -3.61
CA ILE A 112 0.08 -12.67 -4.66
C ILE A 112 -0.14 -13.41 -5.98
N THR A 113 -0.97 -12.84 -6.86
N THR A 113 -0.98 -12.85 -6.85
CA THR A 113 -1.33 -13.50 -8.10
CA THR A 113 -1.31 -13.50 -8.10
C THR A 113 -0.78 -12.80 -9.34
C THR A 113 -0.73 -12.81 -9.33
N ALA A 114 -0.15 -11.65 -9.19
N ALA A 114 -0.19 -11.61 -9.19
CA ALA A 114 0.49 -11.02 -10.33
CA ALA A 114 0.51 -11.00 -10.31
C ALA A 114 1.80 -10.34 -9.93
C ALA A 114 1.78 -10.32 -9.84
N GLY A 115 2.51 -10.91 -8.96
N GLY A 115 2.51 -10.97 -8.92
CA GLY A 115 3.79 -10.34 -8.56
CA GLY A 115 3.81 -10.43 -8.52
C GLY A 115 4.81 -10.31 -9.69
C GLY A 115 4.82 -10.35 -9.65
N SER A 116 4.69 -11.23 -10.65
CA SER A 116 5.69 -11.28 -11.71
C SER A 116 5.49 -10.22 -12.80
N THR A 117 4.41 -9.43 -12.74
CA THR A 117 4.15 -8.37 -13.71
C THR A 117 4.08 -7.00 -13.02
N ASN A 118 4.70 -6.86 -11.84
CA ASN A 118 4.78 -5.62 -11.09
C ASN A 118 6.13 -5.53 -10.42
N GLY A 119 6.68 -4.31 -10.38
CA GLY A 119 7.90 -4.08 -9.66
C GLY A 119 7.70 -4.16 -8.16
N LEU A 120 8.81 -4.23 -7.44
CA LEU A 120 8.78 -4.47 -6.01
C LEU A 120 9.57 -3.36 -5.34
N TRP A 121 8.92 -2.61 -4.44
CA TRP A 121 9.44 -1.34 -4.00
C TRP A 121 9.62 -1.32 -2.50
N SER A 122 10.55 -0.47 -2.05
CA SER A 122 10.77 -0.27 -0.61
C SER A 122 9.89 0.80 0.00
N GLU A 123 9.33 1.69 -0.83
CA GLU A 123 8.29 2.61 -0.40
C GLU A 123 7.30 2.72 -1.55
N VAL A 124 6.17 3.38 -1.29
CA VAL A 124 5.28 3.81 -2.37
C VAL A 124 6.16 4.45 -3.43
N PRO A 125 6.09 4.02 -4.68
CA PRO A 125 7.06 4.47 -5.68
C PRO A 125 6.94 5.98 -5.94
N GLY A 126 8.10 6.62 -6.10
CA GLY A 126 8.20 8.04 -6.34
C GLY A 126 8.35 8.86 -5.07
N THR A 127 7.95 8.30 -3.93
CA THR A 127 8.09 9.02 -2.68
C THR A 127 9.55 8.98 -2.22
N VAL A 128 9.84 9.72 -1.17
CA VAL A 128 11.22 9.83 -0.71
C VAL A 128 11.67 8.50 -0.11
N ASN A 129 12.88 8.08 -0.46
CA ASN A 129 13.50 6.83 -0.04
C ASN A 129 12.89 5.60 -0.72
N ALA A 130 12.13 5.78 -1.79
CA ALA A 130 11.57 4.64 -2.50
C ALA A 130 12.60 4.08 -3.48
N LYS A 131 12.94 2.79 -3.33
CA LYS A 131 13.87 2.10 -4.21
C LYS A 131 13.20 0.84 -4.76
N LYS A 132 13.56 0.48 -5.99
CA LYS A 132 13.05 -0.73 -6.62
C LYS A 132 13.93 -1.90 -6.19
N LEU A 133 13.37 -2.77 -5.33
CA LEU A 133 14.09 -3.93 -4.80
C LEU A 133 14.26 -5.02 -5.84
N ALA A 134 13.28 -5.22 -6.71
CA ALA A 134 13.43 -6.24 -7.74
C ALA A 134 12.61 -5.79 -8.93
N THR A 135 13.05 -6.20 -10.12
CA THR A 135 12.35 -5.76 -11.34
C THR A 135 10.91 -6.23 -11.33
N THR A 136 10.68 -7.45 -10.88
CA THR A 136 9.35 -7.92 -10.56
C THR A 136 9.35 -8.43 -9.12
N ALA A 137 8.15 -8.66 -8.60
CA ALA A 137 8.01 -9.44 -7.37
C ALA A 137 7.74 -10.90 -7.69
N GLY A 138 8.29 -11.40 -8.81
CA GLY A 138 8.04 -12.75 -9.26
C GLY A 138 8.47 -13.81 -8.26
N ALA A 139 9.50 -13.51 -7.46
CA ALA A 139 9.95 -14.35 -6.35
C ALA A 139 8.85 -14.72 -5.38
N TYR A 140 7.74 -13.98 -5.36
CA TYR A 140 6.66 -14.24 -4.43
C TYR A 140 5.37 -14.58 -5.15
N GLN A 141 5.47 -14.95 -6.42
CA GLN A 141 4.26 -15.25 -7.18
C GLN A 141 3.53 -16.42 -6.52
N ASN A 142 2.21 -16.27 -6.42
CA ASN A 142 1.30 -17.29 -5.87
C ASN A 142 1.57 -17.60 -4.41
N LYS A 143 2.35 -16.79 -3.69
CA LYS A 143 2.54 -16.97 -2.25
C LYS A 143 1.47 -16.22 -1.48
N ASP A 144 1.19 -16.72 -0.27
CA ASP A 144 0.32 -16.00 0.65
C ASP A 144 1.07 -14.84 1.29
N ALA A 145 0.32 -13.80 1.63
CA ALA A 145 0.93 -12.59 2.15
C ALA A 145 -0.04 -11.90 3.10
N LYS A 146 0.53 -11.17 4.05
CA LYS A 146 -0.25 -10.33 4.95
C LYS A 146 -0.07 -8.88 4.50
N ILE A 147 -1.19 -8.20 4.28
CA ILE A 147 -1.19 -6.81 3.83
C ILE A 147 -1.34 -5.92 5.06
N ILE A 148 -0.35 -5.08 5.33
CA ILE A 148 -0.29 -4.33 6.58
C ILE A 148 -0.44 -2.81 6.40
N LYS A 149 -0.36 -2.29 5.17
CA LYS A 149 -0.44 -0.86 4.99
C LYS A 149 -0.77 -0.58 3.53
N GLN A 150 -1.44 0.54 3.26
CA GLN A 150 -1.67 0.99 1.89
C GLN A 150 -1.27 2.45 1.75
N GLY A 151 -1.03 2.83 0.50
CA GLY A 151 -0.78 4.22 0.14
C GLY A 151 -1.03 4.38 -1.33
N GLN A 152 -1.44 5.57 -1.75
CA GLN A 152 -1.77 5.80 -3.15
C GLN A 152 -0.87 6.88 -3.72
N ILE A 153 -0.68 6.78 -5.03
CA ILE A 153 0.06 7.80 -5.79
C ILE A 153 -0.23 7.57 -7.26
N SER A 154 -0.44 8.67 -7.97
CA SER A 154 -0.71 8.64 -9.39
C SER A 154 -1.95 7.81 -9.72
N GLY A 155 -2.88 7.75 -8.77
CA GLY A 155 -4.10 6.99 -8.95
C GLY A 155 -3.96 5.50 -8.77
N ARG A 156 -2.80 5.02 -8.32
CA ARG A 156 -2.61 3.60 -8.06
C ARG A 156 -2.42 3.34 -6.56
N THR A 157 -2.94 2.21 -6.10
CA THR A 157 -2.83 1.79 -4.70
C THR A 157 -1.73 0.75 -4.57
N TYR A 158 -0.88 0.91 -3.56
CA TYR A 158 0.24 0.04 -3.29
C TYR A 158 0.10 -0.54 -1.89
N TYR A 159 0.20 -1.86 -1.79
CA TYR A 159 0.12 -2.53 -0.50
C TYR A 159 1.51 -2.83 0.02
N GLN A 160 1.74 -2.55 1.29
CA GLN A 160 2.91 -3.08 1.98
C GLN A 160 2.54 -4.45 2.53
N PHE A 161 3.42 -5.43 2.35
CA PHE A 161 3.02 -6.81 2.59
C PHE A 161 4.17 -7.63 3.17
N GLN A 162 3.78 -8.73 3.83
CA GLN A 162 4.71 -9.66 4.46
C GLN A 162 4.49 -11.06 3.91
N VAL A 163 5.60 -11.79 3.75
CA VAL A 163 5.60 -13.20 3.38
C VAL A 163 6.45 -13.95 4.41
N GLY A 164 5.87 -14.95 5.05
CA GLY A 164 6.57 -15.66 6.12
C GLY A 164 6.99 -14.78 7.29
N GLY A 165 6.11 -13.89 7.74
CA GLY A 165 6.41 -13.07 8.89
C GLY A 165 7.36 -11.91 8.66
N LYS A 166 7.94 -11.79 7.46
CA LYS A 166 8.89 -10.73 7.14
C LYS A 166 8.27 -9.73 6.17
N THR A 167 8.32 -8.44 6.52
CA THR A 167 7.88 -7.37 5.63
C THR A 167 8.76 -7.32 4.38
N ILE A 168 8.16 -7.52 3.21
CA ILE A 168 8.92 -7.58 1.97
C ILE A 168 9.08 -6.21 1.32
N GLY A 169 8.02 -5.43 1.31
CA GLY A 169 8.06 -4.18 0.56
C GLY A 169 6.66 -3.77 0.15
N TRP A 170 6.60 -3.08 -0.98
CA TRP A 170 5.37 -2.53 -1.49
C TRP A 170 5.09 -3.05 -2.89
N LEU A 171 3.83 -3.39 -3.13
CA LEU A 171 3.46 -4.01 -4.39
C LEU A 171 2.08 -3.49 -4.76
N ASP A 172 1.85 -3.28 -6.05
CA ASP A 172 0.57 -2.74 -6.48
C ASP A 172 -0.56 -3.66 -6.02
N ALA A 173 -1.59 -3.08 -5.41
CA ALA A 173 -2.72 -3.84 -4.91
C ALA A 173 -3.37 -4.74 -5.96
N ARG A 174 -3.24 -4.39 -7.24
CA ARG A 174 -3.77 -5.22 -8.31
C ARG A 174 -3.04 -6.55 -8.44
N ALA A 175 -1.87 -6.68 -7.81
CA ALA A 175 -1.11 -7.92 -7.79
C ALA A 175 -1.64 -8.94 -6.78
N PHE A 176 -2.51 -8.54 -5.85
CA PHE A 176 -3.00 -9.41 -4.79
C PHE A 176 -4.42 -9.87 -5.05
N HIS A 177 -4.70 -11.11 -4.64
CA HIS A 177 -6.07 -11.60 -4.45
C HIS A 177 -6.32 -11.60 -2.95
N VAL A 178 -7.17 -10.69 -2.48
CA VAL A 178 -7.39 -10.56 -1.04
C VAL A 178 -8.47 -11.54 -0.60
N TYR A 179 -8.17 -12.30 0.46
CA TYR A 179 -9.16 -13.20 1.04
C TYR A 179 -10.19 -12.40 1.82
N ASP A 180 -11.46 -12.84 1.72
CA ASP A 180 -12.52 -12.36 2.60
C ASP A 180 -12.25 -12.82 4.01
N LYS A 181 -12.49 -11.94 4.98
CA LYS A 181 -12.48 -12.34 6.39
C LYS A 181 -13.77 -13.07 6.76
N ILE A 182 -13.65 -14.01 7.70
CA ILE A 182 -14.83 -14.58 8.34
C ILE A 182 -15.34 -13.55 9.33
N GLN A 183 -16.52 -12.97 9.04
CA GLN A 183 -17.08 -11.94 9.90
C GLN A 183 -17.63 -12.51 11.19
N SER A 184 -18.24 -13.70 11.11
CA SER A 184 -18.73 -14.38 12.29
C SER A 184 -18.83 -15.87 11.98
N GLN A 185 -18.86 -16.66 13.04
CA GLN A 185 -18.84 -18.11 12.92
C GLN A 185 -19.30 -18.72 14.24
N SER A 186 -20.06 -19.81 14.17
CA SER A 186 -20.63 -20.41 15.36
C SER A 186 -20.86 -21.88 15.09
N ASN A 187 -20.75 -22.67 16.17
CA ASN A 187 -21.12 -24.08 16.11
C ASN A 187 -22.63 -24.22 16.26
N VAL A 188 -23.20 -25.16 15.51
CA VAL A 188 -24.63 -25.40 15.50
C VAL A 188 -24.87 -26.90 15.45
N ASN A 189 -26.14 -27.30 15.45
CA ASN A 189 -26.50 -28.71 15.28
C ASN A 189 -27.88 -28.73 14.61
N TRP A 190 -27.88 -28.72 13.28
CA TRP A 190 -29.09 -28.70 12.48
C TRP A 190 -29.10 -29.90 11.55
N ASN A 191 -30.28 -30.47 11.35
CA ASN A 191 -30.46 -31.53 10.36
C ASN A 191 -31.28 -30.93 9.21
N ARG A 192 -30.69 -30.92 8.02
CA ARG A 192 -31.32 -30.37 6.82
C ARG A 192 -31.18 -31.38 5.69
N THR A 193 -32.09 -31.28 4.72
CA THR A 193 -32.03 -32.07 3.51
C THR A 193 -31.61 -31.18 2.35
N ILE A 194 -30.57 -31.60 1.63
CA ILE A 194 -30.08 -30.85 0.48
C ILE A 194 -31.02 -31.08 -0.70
N LEU A 195 -31.42 -29.99 -1.35
CA LEU A 195 -32.25 -30.05 -2.54
C LEU A 195 -31.73 -29.03 -3.55
N ASN A 196 -31.47 -29.49 -4.77
CA ASN A 196 -30.92 -28.71 -5.89
C ASN A 196 -29.73 -27.85 -5.43
N ALA A 197 -28.62 -28.56 -5.24
CA ALA A 197 -27.33 -27.94 -4.89
C ALA A 197 -26.34 -27.99 -6.05
N ASP A 198 -26.81 -28.33 -7.26
CA ASP A 198 -25.91 -28.38 -8.42
C ASP A 198 -25.23 -27.03 -8.65
N LYS A 199 -25.98 -25.93 -8.47
CA LYS A 199 -25.48 -24.58 -8.72
C LYS A 199 -24.38 -24.16 -7.75
N HIS A 200 -24.21 -24.85 -6.63
CA HIS A 200 -23.26 -24.47 -5.60
C HIS A 200 -22.13 -25.49 -5.53
N GLY A 201 -21.04 -25.07 -4.89
CA GLY A 201 -19.93 -25.97 -4.66
C GLY A 201 -19.62 -26.24 -3.19
N VAL A 202 -18.88 -27.33 -2.96
CA VAL A 202 -18.42 -27.74 -1.64
C VAL A 202 -16.95 -27.34 -1.52
N TYR A 203 -16.61 -26.60 -0.46
CA TYR A 203 -15.25 -26.12 -0.23
C TYR A 203 -14.67 -26.70 1.07
N SER A 204 -13.35 -26.87 1.07
CA SER A 204 -12.69 -27.38 2.27
C SER A 204 -12.72 -26.38 3.44
N GLY A 205 -12.72 -25.07 3.15
CA GLY A 205 -12.88 -24.05 4.16
C GLY A 205 -14.01 -23.10 3.78
N VAL A 206 -14.27 -22.13 4.66
CA VAL A 206 -15.26 -21.11 4.33
C VAL A 206 -14.83 -20.42 3.04
N TYR A 207 -15.78 -20.19 2.13
CA TYR A 207 -15.43 -19.88 0.75
C TYR A 207 -14.63 -18.58 0.65
N ASN A 208 -13.45 -18.69 0.01
CA ASN A 208 -12.59 -17.56 -0.35
C ASN A 208 -11.97 -16.89 0.87
N THR A 209 -11.74 -17.66 1.92
CA THR A 209 -11.08 -17.15 3.11
C THR A 209 -9.60 -17.57 3.18
N SER A 210 -9.13 -18.42 2.27
CA SER A 210 -7.75 -18.90 2.30
C SER A 210 -7.41 -19.46 0.93
N SER A 211 -6.15 -19.88 0.76
N SER A 211 -6.15 -19.87 0.76
CA SER A 211 -5.72 -20.41 -0.53
CA SER A 211 -5.70 -20.42 -0.52
C SER A 211 -6.42 -21.72 -0.88
C SER A 211 -6.45 -21.70 -0.87
N SER A 212 -6.75 -22.54 0.13
CA SER A 212 -7.35 -23.84 -0.11
C SER A 212 -8.87 -23.81 -0.25
N SER A 213 -9.50 -22.67 -0.03
CA SER A 213 -10.95 -22.56 -0.11
C SER A 213 -11.41 -21.69 -1.28
N MSE A 214 -10.52 -21.48 -2.26
CA MSE A 214 -10.90 -20.75 -3.47
C MSE A 214 -11.55 -21.68 -4.50
O MSE A 214 -12.37 -21.21 -5.30
CB MSE A 214 -9.70 -20.03 -4.08
CG MSE A 214 -9.07 -19.03 -3.15
SE MSE A 214 -7.89 -17.88 -4.09
CE MSE A 214 -6.19 -18.76 -3.80
N ASN A 215 -11.23 -22.98 -4.46
CA ASN A 215 -11.69 -23.91 -5.49
C ASN A 215 -12.43 -25.10 -4.90
N LYS A 216 -13.60 -25.37 -5.49
CA LYS A 216 -14.52 -26.38 -4.98
C LYS A 216 -13.88 -27.77 -4.99
N LEU A 217 -14.30 -28.58 -4.03
CA LEU A 217 -13.96 -30.00 -4.02
C LEU A 217 -14.92 -30.80 -4.89
N SER A 218 -16.16 -30.34 -5.00
CA SER A 218 -17.17 -30.91 -5.89
C SER A 218 -18.34 -29.93 -5.97
N THR A 219 -19.36 -30.30 -6.75
CA THR A 219 -20.62 -29.58 -6.68
C THR A 219 -21.53 -30.27 -5.66
N GLY A 220 -22.51 -29.51 -5.17
CA GLY A 220 -23.51 -30.07 -4.28
C GLY A 220 -24.52 -30.97 -4.94
N ALA A 221 -24.46 -31.11 -6.27
CA ALA A 221 -25.36 -32.00 -7.01
C ALA A 221 -25.30 -33.41 -6.46
N LYS A 222 -24.09 -33.90 -6.14
CA LYS A 222 -23.92 -35.27 -5.68
C LYS A 222 -24.72 -35.55 -4.40
N TYR A 223 -24.99 -34.54 -3.58
CA TYR A 223 -25.65 -34.73 -2.30
C TYR A 223 -27.13 -34.36 -2.33
N ASN A 224 -27.77 -34.45 -3.50
CA ASN A 224 -29.15 -34.01 -3.60
C ASN A 224 -30.11 -35.01 -2.98
N ASN A 225 -31.22 -34.47 -2.44
CA ASN A 225 -32.21 -35.26 -1.72
C ASN A 225 -31.56 -36.11 -0.63
N LYS A 226 -30.59 -35.53 0.07
CA LYS A 226 -29.83 -36.20 1.10
C LYS A 226 -29.96 -35.42 2.40
N LYS A 227 -30.23 -36.12 3.50
CA LYS A 227 -30.33 -35.48 4.80
C LYS A 227 -28.94 -35.35 5.42
N VAL A 228 -28.60 -34.14 5.89
CA VAL A 228 -27.25 -33.88 6.38
C VAL A 228 -27.31 -33.29 7.78
N LYS A 229 -26.13 -33.11 8.37
CA LYS A 229 -25.98 -32.49 9.68
C LYS A 229 -25.11 -31.24 9.53
N VAL A 230 -25.70 -30.06 9.75
CA VAL A 230 -24.96 -28.80 9.72
C VAL A 230 -24.36 -28.56 11.11
N ILE A 231 -23.03 -28.60 11.20
CA ILE A 231 -22.34 -28.41 12.48
C ILE A 231 -21.78 -27.01 12.69
N LYS A 232 -21.54 -26.24 11.63
CA LYS A 232 -21.04 -24.88 11.78
C LYS A 232 -21.68 -23.97 10.74
N GLN A 233 -21.80 -22.68 11.09
CA GLN A 233 -22.17 -21.66 10.13
C GLN A 233 -21.16 -20.52 10.18
N ALA A 234 -20.94 -19.90 9.02
CA ALA A 234 -19.99 -18.80 8.88
C ALA A 234 -20.55 -17.79 7.88
N LYS A 235 -20.31 -16.51 8.15
CA LYS A 235 -20.73 -15.46 7.24
C LYS A 235 -19.52 -14.66 6.78
N THR A 236 -19.38 -14.52 5.45
CA THR A 236 -18.48 -13.54 4.83
C THR A 236 -19.31 -12.55 4.02
N ALA A 237 -18.62 -11.50 3.58
CA ALA A 237 -19.24 -10.50 2.72
C ALA A 237 -19.96 -11.12 1.52
N ARG A 238 -19.51 -12.28 1.05
CA ARG A 238 -20.10 -12.96 -0.10
C ARG A 238 -21.29 -13.85 0.24
N GLY A 239 -21.52 -14.23 1.50
CA GLY A 239 -22.68 -15.03 1.81
C GLY A 239 -22.56 -15.75 3.14
N THR A 240 -23.37 -16.79 3.27
CA THR A 240 -23.40 -17.62 4.47
C THR A 240 -23.19 -19.07 4.09
N TRP A 241 -22.28 -19.74 4.80
CA TRP A 241 -21.79 -21.06 4.48
C TRP A 241 -22.08 -22.01 5.64
N TYR A 242 -22.49 -23.22 5.32
CA TYR A 242 -22.76 -24.25 6.31
C TYR A 242 -21.70 -25.34 6.18
N GLN A 243 -21.12 -25.75 7.30
CA GLN A 243 -20.28 -26.94 7.30
C GLN A 243 -21.19 -28.12 7.63
N PHE A 244 -21.19 -29.14 6.78
CA PHE A 244 -22.16 -30.21 6.93
C PHE A 244 -21.49 -31.58 6.97
N GLN A 245 -22.26 -32.57 7.41
CA GLN A 245 -21.80 -33.95 7.58
C GLN A 245 -22.78 -34.93 6.96
N VAL A 246 -22.23 -35.93 6.29
CA VAL A 246 -22.98 -37.11 5.89
C VAL A 246 -22.25 -38.32 6.45
N ASN A 247 -23.00 -39.35 6.84
CA ASN A 247 -22.44 -40.53 7.52
C ASN A 247 -21.60 -40.12 8.72
N GLY A 248 -21.98 -39.02 9.38
CA GLY A 248 -21.27 -38.54 10.54
C GLY A 248 -19.87 -38.00 10.30
N LYS A 249 -19.43 -37.88 9.04
CA LYS A 249 -18.12 -37.32 8.75
C LYS A 249 -18.28 -36.00 8.01
N THR A 250 -17.41 -35.05 8.34
CA THR A 250 -17.48 -33.72 7.75
C THR A 250 -17.15 -33.78 6.26
N VAL A 251 -18.07 -33.27 5.45
CA VAL A 251 -17.86 -33.16 4.01
C VAL A 251 -17.07 -31.90 3.69
N GLY A 252 -17.64 -30.75 4.01
CA GLY A 252 -17.04 -29.48 3.68
C GLY A 252 -18.03 -28.36 3.93
N TRP A 253 -17.79 -27.21 3.31
CA TRP A 253 -18.64 -26.04 3.46
C TRP A 253 -19.45 -25.80 2.19
N MSE A 254 -20.69 -25.33 2.36
CA MSE A 254 -21.50 -24.99 1.18
C MSE A 254 -22.46 -23.87 1.48
O MSE A 254 -22.92 -23.71 2.60
CB MSE A 254 -22.26 -26.22 0.68
CG MSE A 254 -22.92 -26.03 -0.68
SE MSE A 254 -23.33 -27.75 -1.48
CE MSE A 254 -24.42 -28.46 -0.05
N ASP A 255 -22.75 -23.09 0.43
CA ASP A 255 -23.68 -21.98 0.54
C ASP A 255 -24.97 -22.42 1.20
N TYR A 256 -25.53 -21.55 2.05
CA TYR A 256 -26.69 -21.94 2.85
C TYR A 256 -27.93 -22.20 1.98
N ARG A 257 -28.01 -21.61 0.80
CA ARG A 257 -29.18 -21.83 -0.05
C ARG A 257 -29.28 -23.26 -0.55
N ALA A 258 -28.18 -24.02 -0.54
CA ALA A 258 -28.24 -25.41 -0.96
C ALA A 258 -29.05 -26.28 -0.01
N PHE A 259 -29.39 -25.78 1.17
CA PHE A 259 -30.07 -26.54 2.22
C PHE A 259 -31.53 -26.12 2.35
C1 GOL B . -6.60 -11.78 -10.44
O1 GOL B . -6.64 -11.69 -11.85
C2 GOL B . -6.40 -13.22 -9.93
O2 GOL B . -6.09 -13.18 -8.55
C3 GOL B . -7.65 -14.07 -9.99
O3 GOL B . -7.44 -15.09 -9.03
C1 GOL C . -16.36 -22.39 15.35
O1 GOL C . -17.74 -22.26 15.10
C2 GOL C . -15.80 -21.00 15.65
O2 GOL C . -16.44 -20.49 16.79
C3 GOL C . -14.30 -21.07 15.90
O3 GOL C . -13.79 -19.76 15.84
C1 GOL D . 6.11 27.58 -7.32
O1 GOL D . 6.24 27.98 -5.98
C2 GOL D . 7.22 28.28 -8.09
O2 GOL D . 8.26 27.38 -8.42
C3 GOL D . 6.70 29.06 -9.29
O3 GOL D . 6.49 28.28 -10.45
S SO4 E . -0.82 1.24 -14.87
O1 SO4 E . -1.28 1.80 -13.62
O2 SO4 E . 0.25 0.26 -14.63
O3 SO4 E . -1.94 0.53 -15.53
O4 SO4 E . -0.31 2.29 -15.76
S SO4 F . 2.50 41.83 -5.96
O1 SO4 F . 1.60 40.68 -5.79
O2 SO4 F . 2.72 42.52 -4.70
O3 SO4 F . 3.82 41.36 -6.43
O4 SO4 F . 1.86 42.75 -6.89
S SO4 G . -32.16 -23.25 -10.88
O1 SO4 G . -32.45 -24.69 -10.91
O2 SO4 G . -31.69 -22.86 -9.54
O3 SO4 G . -33.38 -22.51 -11.24
O4 SO4 G . -31.13 -22.94 -11.87
C1 PEG H . 16.26 13.82 -10.92
O1 PEG H . 17.58 13.40 -10.50
C2 PEG H . 15.28 13.74 -9.75
O2 PEG H . 15.35 12.45 -9.14
C3 PEG H . 14.48 12.28 -8.01
C4 PEG H . 14.55 10.84 -7.51
O4 PEG H . 15.84 10.57 -6.94
C1 PEG I . -13.61 -13.07 -5.90
O1 PEG I . -13.51 -12.71 -7.29
C2 PEG I . -13.91 -14.55 -5.72
O2 PEG I . -12.84 -15.32 -6.25
C3 PEG I . -12.83 -16.68 -5.80
C4 PEG I . -12.17 -17.58 -6.86
O4 PEG I . -11.05 -16.89 -7.44
#